data_7T5A
#
_entry.id   7T5A
#
_cell.length_a   46.115
_cell.length_b   40.977
_cell.length_c   111.038
_cell.angle_alpha   90.000
_cell.angle_beta   92.530
_cell.angle_gamma   90.000
#
_symmetry.space_group_name_H-M   'P 1 21 1'
#
loop_
_entity.id
_entity.type
_entity.pdbx_description
1 polymer 'Molybdate-binding periplasmic protein ModA'
2 non-polymer TUNGSTATE(VI)ION
3 non-polymer 'AMMONIUM ION'
4 water water
#
_entity_poly.entity_id   1
_entity_poly.type   'polypeptide(L)'
_entity_poly.pdbx_seq_one_letter_code
;SNADEVQVAVAANFTAPIQAIAKEFEKDTGHRLVAAYGATGQFYTQIKNGAPFQVFLSADDSTPAKLEQEGEVVPGSRFT
YAIGTLALWSPKAGYVDAEGEVLKSGSFRHLSIANPKTAPYGLAATQAMDKLGLAATLGPKLVEGQNISQAYQFVSSGNA
ELGFVALSQIYKDGKVATGSAWIVPTELHDPIRQDAVILNKGKDNAAAKALVDYLKGAKAAALIKSYGYEL
;
_entity_poly.pdbx_strand_id   A,B
#
loop_
_chem_comp.id
_chem_comp.type
_chem_comp.name
_chem_comp.formula
NH4 non-polymer 'AMMONIUM ION' 'H4 N 1'
WO4 non-polymer TUNGSTATE(VI)ION 'O4 W -2'
#
# COMPACT_ATOMS: atom_id res chain seq x y z
N ASN A 2 -15.57 -6.85 -20.42
CA ASN A 2 -14.57 -6.54 -19.36
C ASN A 2 -13.66 -5.42 -19.86
N ALA A 3 -12.83 -4.88 -18.98
CA ALA A 3 -12.08 -3.64 -19.26
C ALA A 3 -10.88 -3.97 -20.16
N ASP A 4 -10.37 -2.95 -20.85
CA ASP A 4 -9.10 -2.96 -21.63
C ASP A 4 -8.09 -3.91 -20.96
N GLU A 5 -7.43 -4.74 -21.77
CA GLU A 5 -6.33 -5.61 -21.31
C GLU A 5 -5.01 -4.86 -21.49
N VAL A 6 -3.93 -5.35 -20.86
CA VAL A 6 -2.56 -4.78 -21.00
C VAL A 6 -1.61 -5.91 -21.40
N GLN A 7 -1.11 -5.84 -22.62
CA GLN A 7 -0.07 -6.74 -23.17
C GLN A 7 1.24 -6.28 -22.55
N VAL A 8 1.87 -7.10 -21.72
CA VAL A 8 3.08 -6.72 -21.01
C VAL A 8 4.19 -7.65 -21.44
N ALA A 9 5.30 -7.09 -21.90
CA ALA A 9 6.55 -7.84 -22.08
C ALA A 9 7.31 -7.77 -20.76
N VAL A 10 7.67 -8.93 -20.21
CA VAL A 10 8.23 -8.98 -18.85
C VAL A 10 9.56 -9.74 -18.91
N ALA A 11 10.61 -9.10 -18.43
CA ALA A 11 11.90 -9.78 -18.38
C ALA A 11 11.78 -10.97 -17.44
N ALA A 12 12.44 -12.07 -17.82
CA ALA A 12 12.22 -13.38 -17.20
C ALA A 12 12.41 -13.35 -15.68
N ASN A 13 13.31 -12.49 -15.15
CA ASN A 13 13.54 -12.47 -13.70
C ASN A 13 12.28 -12.12 -12.91
N PHE A 14 11.39 -11.36 -13.53
CA PHE A 14 10.22 -10.76 -12.93
C PHE A 14 8.95 -11.54 -13.27
N THR A 15 9.13 -12.79 -13.73
CA THR A 15 8.01 -13.66 -14.04
C THR A 15 7.14 -13.87 -12.80
N ALA A 16 7.70 -14.52 -11.78
CA ALA A 16 6.92 -14.76 -10.56
C ALA A 16 6.38 -13.48 -9.98
N PRO A 17 7.17 -12.40 -9.87
CA PRO A 17 6.61 -11.15 -9.30
C PRO A 17 5.38 -10.63 -10.03
N ILE A 18 5.40 -10.62 -11.36
CA ILE A 18 4.26 -10.06 -12.08
C ILE A 18 3.04 -10.96 -12.01
N GLN A 19 3.25 -12.27 -11.96
CA GLN A 19 2.12 -13.17 -11.74
C GLN A 19 1.39 -12.82 -10.44
N ALA A 20 2.14 -12.56 -9.37
CA ALA A 20 1.47 -12.18 -8.14
C ALA A 20 0.88 -10.78 -8.27
N ILE A 21 1.57 -9.87 -8.96
CA ILE A 21 1.02 -8.52 -9.10
C ILE A 21 -0.26 -8.54 -9.90
N ALA A 22 -0.32 -9.37 -10.94
CA ALA A 22 -1.46 -9.36 -11.86
C ALA A 22 -2.75 -9.74 -11.16
N LYS A 23 -2.68 -10.74 -10.26
CA LYS A 23 -3.84 -11.12 -9.48
C LYS A 23 -4.41 -9.92 -8.74
N GLU A 24 -3.60 -9.24 -7.93
CA GLU A 24 -4.14 -8.11 -7.18
C GLU A 24 -4.49 -6.96 -8.14
N PHE A 25 -3.68 -6.74 -9.17
CA PHE A 25 -4.00 -5.75 -10.19
C PHE A 25 -5.37 -6.00 -10.81
N GLU A 26 -5.66 -7.26 -11.21
CA GLU A 26 -6.95 -7.57 -11.81
C GLU A 26 -8.05 -7.46 -10.77
N LYS A 27 -7.81 -7.89 -9.54
CA LYS A 27 -8.81 -7.80 -8.45
C LYS A 27 -9.22 -6.33 -8.27
N ASP A 28 -8.28 -5.40 -8.49
CA ASP A 28 -8.26 -4.02 -7.93
C ASP A 28 -8.65 -2.98 -8.99
N THR A 29 -8.39 -3.25 -10.26
CA THR A 29 -8.57 -2.30 -11.38
C THR A 29 -9.59 -2.85 -12.38
N GLY A 30 -9.76 -4.17 -12.41
CA GLY A 30 -10.56 -4.88 -13.41
C GLY A 30 -9.90 -4.93 -14.78
N HIS A 31 -8.67 -4.42 -14.91
CA HIS A 31 -7.89 -4.65 -16.10
C HIS A 31 -7.13 -5.97 -15.97
N ARG A 32 -7.03 -6.70 -17.07
CA ARG A 32 -6.31 -7.96 -17.13
C ARG A 32 -4.90 -7.70 -17.65
N LEU A 33 -3.92 -8.22 -16.93
CA LEU A 33 -2.52 -8.21 -17.36
C LEU A 33 -2.23 -9.51 -18.10
N VAL A 34 -1.88 -9.41 -19.39
CA VAL A 34 -1.50 -10.58 -20.17
C VAL A 34 0.01 -10.51 -20.45
N ALA A 35 0.77 -11.43 -19.88
CA ALA A 35 2.22 -11.30 -19.85
C ALA A 35 2.90 -12.34 -20.74
N ALA A 36 3.99 -11.93 -21.37
CA ALA A 36 4.95 -12.86 -21.96
C ALA A 36 6.28 -12.71 -21.22
N TYR A 37 7.05 -13.78 -21.19
CA TYR A 37 8.24 -13.86 -20.36
C TYR A 37 9.40 -14.22 -21.25
N GLY A 38 10.50 -13.50 -21.07
CA GLY A 38 11.71 -13.81 -21.80
C GLY A 38 12.80 -12.80 -21.55
N ALA A 39 13.84 -12.92 -22.36
CA ALA A 39 15.01 -12.05 -22.26
C ALA A 39 14.69 -10.66 -22.80
N THR A 40 15.19 -9.65 -22.07
CA THR A 40 15.09 -8.26 -22.47
C THR A 40 15.45 -8.01 -23.92
N GLY A 41 16.68 -8.38 -24.34
CA GLY A 41 17.07 -8.19 -25.74
C GLY A 41 16.14 -8.90 -26.72
N GLN A 42 15.48 -9.99 -26.30
CA GLN A 42 14.57 -10.63 -27.24
C GLN A 42 13.30 -9.79 -27.43
N PHE A 43 12.81 -9.14 -26.36
CA PHE A 43 11.70 -8.22 -26.50
C PHE A 43 12.07 -6.98 -27.28
N TYR A 44 13.32 -6.53 -27.15
CA TYR A 44 13.74 -5.39 -27.94
C TYR A 44 13.53 -5.69 -29.39
N THR A 45 13.86 -6.92 -29.78
CA THR A 45 13.69 -7.36 -31.16
C THR A 45 12.23 -7.47 -31.51
N GLN A 46 11.44 -8.16 -30.66
CA GLN A 46 10.02 -8.35 -30.95
C GLN A 46 9.30 -7.03 -31.03
N ILE A 47 9.62 -6.09 -30.13
CA ILE A 47 8.95 -4.80 -30.09
C ILE A 47 9.27 -3.96 -31.32
N LYS A 48 10.52 -4.02 -31.78
CA LYS A 48 10.91 -3.34 -33.01
C LYS A 48 10.16 -3.91 -34.20
N ASN A 49 9.75 -5.18 -34.12
CA ASN A 49 9.13 -5.87 -35.23
C ASN A 49 7.61 -5.84 -35.19
N GLY A 50 7.01 -5.10 -34.29
CA GLY A 50 5.57 -4.94 -34.27
C GLY A 50 4.81 -5.72 -33.21
N ALA A 51 5.49 -6.38 -32.29
CA ALA A 51 4.81 -7.12 -31.24
C ALA A 51 3.71 -6.26 -30.63
N PRO A 52 2.58 -6.84 -30.25
CA PRO A 52 1.46 -6.03 -29.74
C PRO A 52 1.70 -5.48 -28.34
N PHE A 53 2.85 -5.77 -27.73
CA PHE A 53 3.08 -5.39 -26.34
C PHE A 53 2.86 -3.90 -26.17
N GLN A 54 2.26 -3.54 -25.02
CA GLN A 54 1.93 -2.17 -24.71
C GLN A 54 2.71 -1.63 -23.53
N VAL A 55 3.04 -2.49 -22.57
CA VAL A 55 3.96 -2.14 -21.49
C VAL A 55 5.12 -3.12 -21.64
N PHE A 56 6.32 -2.65 -21.28
CA PHE A 56 7.56 -3.44 -21.28
C PHE A 56 8.22 -3.27 -19.92
N LEU A 57 8.31 -4.35 -19.16
CA LEU A 57 9.09 -4.37 -17.92
C LEU A 57 10.46 -4.97 -18.26
N SER A 58 11.49 -4.13 -18.23
CA SER A 58 12.84 -4.54 -18.59
C SER A 58 13.65 -4.99 -17.36
N ALA A 59 14.62 -5.85 -17.59
CA ALA A 59 15.62 -6.16 -16.57
C ALA A 59 16.78 -5.16 -16.57
N ASP A 60 16.74 -4.13 -17.42
CA ASP A 60 17.76 -3.10 -17.40
C ASP A 60 17.10 -1.76 -17.62
N ASP A 61 17.92 -0.71 -17.69
CA ASP A 61 17.41 0.59 -18.08
C ASP A 61 17.92 1.05 -19.43
N SER A 62 19.05 0.54 -19.90
CA SER A 62 19.55 0.98 -21.20
C SER A 62 18.61 0.58 -22.32
N THR A 63 18.00 -0.63 -22.26
CA THR A 63 17.18 -1.09 -23.39
C THR A 63 15.88 -0.29 -23.55
N PRO A 64 15.07 -0.08 -22.51
CA PRO A 64 13.96 0.89 -22.66
C PRO A 64 14.44 2.26 -23.10
N ALA A 65 15.63 2.69 -22.67
CA ALA A 65 16.17 3.97 -23.13
C ALA A 65 16.54 3.92 -24.61
N LYS A 66 17.14 2.79 -25.06
CA LYS A 66 17.47 2.63 -26.47
C LYS A 66 16.20 2.64 -27.34
N LEU A 67 15.14 1.97 -26.87
CA LEU A 67 13.88 1.98 -27.58
C LEU A 67 13.30 3.40 -27.70
N GLU A 68 13.47 4.23 -26.67
CA GLU A 68 12.94 5.61 -26.75
C GLU A 68 13.70 6.42 -27.79
N GLN A 69 15.01 6.27 -27.85
CA GLN A 69 15.78 7.00 -28.85
C GLN A 69 15.58 6.45 -30.23
N GLU A 70 14.82 5.38 -30.37
CA GLU A 70 14.48 4.79 -31.67
C GLU A 70 13.02 4.98 -32.02
N GLY A 71 12.27 5.69 -31.19
CA GLY A 71 10.95 6.12 -31.55
C GLY A 71 9.85 5.18 -31.15
N GLU A 72 10.15 4.20 -30.29
CA GLU A 72 9.24 3.12 -29.93
C GLU A 72 8.55 3.33 -28.58
N VAL A 73 8.82 4.44 -27.89
CA VAL A 73 8.43 4.62 -26.50
C VAL A 73 7.61 5.89 -26.34
N VAL A 74 6.69 5.88 -25.38
CA VAL A 74 6.04 7.14 -25.01
C VAL A 74 6.97 7.96 -24.13
N PRO A 75 7.44 9.12 -24.58
CA PRO A 75 8.25 9.97 -23.71
C PRO A 75 7.51 10.32 -22.43
N GLY A 76 8.26 10.36 -21.33
CA GLY A 76 7.71 10.59 -20.02
C GLY A 76 7.27 9.33 -19.31
N SER A 77 7.35 8.18 -20.00
CA SER A 77 6.83 6.95 -19.44
C SER A 77 7.89 6.08 -18.77
N ARG A 78 9.18 6.31 -19.01
CA ARG A 78 10.20 5.40 -18.45
C ARG A 78 10.41 5.70 -16.98
N PHE A 79 10.38 4.66 -16.14
CA PHE A 79 10.71 4.78 -14.72
C PHE A 79 11.32 3.47 -14.23
N THR A 80 11.95 3.54 -13.07
CA THR A 80 12.50 2.36 -12.40
C THR A 80 11.45 1.75 -11.49
N TYR A 81 11.15 0.48 -11.69
CA TYR A 81 10.15 -0.23 -10.92
C TYR A 81 10.76 -1.24 -9.96
N ALA A 82 12.03 -1.57 -10.16
CA ALA A 82 12.74 -2.48 -9.28
C ALA A 82 14.25 -2.44 -9.50
N ILE A 83 14.98 -2.77 -8.44
CA ILE A 83 16.42 -2.96 -8.50
C ILE A 83 16.73 -4.37 -8.02
N GLY A 84 17.23 -5.20 -8.92
CA GLY A 84 17.50 -6.58 -8.59
C GLY A 84 18.83 -6.78 -7.92
N THR A 85 19.10 -8.06 -7.58
CA THR A 85 20.34 -8.53 -7.00
C THR A 85 20.73 -9.85 -7.64
N LEU A 86 22.04 -10.09 -7.76
CA LEU A 86 22.57 -11.28 -8.37
C LEU A 86 23.16 -12.20 -7.32
N ALA A 87 22.87 -13.50 -7.42
CA ALA A 87 23.39 -14.44 -6.46
C ALA A 87 23.91 -15.68 -7.13
N LEU A 88 25.04 -16.15 -6.60
CA LEU A 88 25.53 -17.49 -6.89
C LEU A 88 24.78 -18.49 -6.02
N TRP A 89 24.36 -19.60 -6.62
CA TRP A 89 23.32 -20.50 -6.07
C TRP A 89 23.49 -21.93 -6.60
N SER A 90 23.36 -22.87 -5.67
CA SER A 90 23.04 -24.29 -5.87
C SER A 90 21.89 -24.68 -4.92
N PRO A 91 21.03 -25.65 -5.31
CA PRO A 91 20.06 -26.27 -4.38
C PRO A 91 20.69 -27.16 -3.28
N LYS A 92 21.94 -27.57 -3.52
CA LYS A 92 22.81 -28.32 -2.59
C LYS A 92 23.40 -27.33 -1.56
N ALA A 93 23.10 -27.59 -0.29
CA ALA A 93 23.45 -26.76 0.87
C ALA A 93 24.96 -26.83 1.13
N GLY A 94 25.57 -25.68 1.33
CA GLY A 94 27.01 -25.52 1.61
C GLY A 94 27.91 -25.65 0.39
N TYR A 95 27.42 -26.21 -0.73
CA TYR A 95 28.20 -26.32 -2.00
C TYR A 95 28.65 -24.93 -2.44
N VAL A 96 27.74 -23.97 -2.40
CA VAL A 96 28.05 -22.54 -2.62
C VAL A 96 28.26 -21.92 -1.24
N ASP A 97 29.52 -21.74 -0.84
CA ASP A 97 29.85 -21.29 0.51
C ASP A 97 29.45 -19.82 0.69
N ALA A 98 29.35 -19.39 1.96
CA ALA A 98 28.85 -18.06 2.29
C ALA A 98 29.72 -16.92 1.78
N GLU A 99 30.93 -17.19 1.30
CA GLU A 99 31.77 -16.12 0.78
C GLU A 99 32.07 -16.28 -0.69
N GLY A 100 31.48 -17.29 -1.35
CA GLY A 100 31.65 -17.49 -2.77
C GLY A 100 33.03 -17.94 -3.17
N GLU A 101 33.78 -18.55 -2.26
CA GLU A 101 35.09 -19.13 -2.53
C GLU A 101 35.05 -20.29 -3.52
N VAL A 102 33.89 -20.94 -3.67
CA VAL A 102 33.72 -22.02 -4.65
C VAL A 102 34.07 -21.57 -6.06
N LEU A 103 33.84 -20.29 -6.38
CA LEU A 103 34.22 -19.80 -7.69
C LEU A 103 35.72 -19.88 -7.93
N LYS A 104 36.51 -19.68 -6.87
CA LYS A 104 37.96 -19.59 -6.98
C LYS A 104 38.64 -20.94 -6.81
N SER A 105 38.06 -21.81 -6.01
CA SER A 105 38.65 -23.09 -5.68
C SER A 105 37.76 -24.24 -6.10
N GLY A 106 36.55 -23.99 -6.60
CA GLY A 106 35.64 -25.07 -6.93
C GLY A 106 36.23 -26.00 -7.99
N SER A 107 35.59 -27.17 -8.11
CA SER A 107 35.93 -28.18 -9.12
C SER A 107 34.77 -28.44 -10.09
N PHE A 108 33.80 -27.52 -10.14
CA PHE A 108 32.66 -27.66 -11.02
C PHE A 108 33.04 -27.50 -12.49
N ARG A 109 32.27 -28.14 -13.36
CA ARG A 109 32.52 -28.08 -14.80
C ARG A 109 31.56 -27.17 -15.56
N HIS A 110 30.38 -26.92 -15.00
CA HIS A 110 29.36 -26.10 -15.64
C HIS A 110 28.88 -25.01 -14.68
N LEU A 111 28.92 -23.77 -15.15
CA LEU A 111 28.52 -22.59 -14.39
C LEU A 111 27.43 -21.87 -15.16
N SER A 112 26.21 -21.85 -14.61
CA SER A 112 25.07 -21.32 -15.35
C SER A 112 25.01 -19.80 -15.25
N ILE A 113 24.92 -19.15 -16.40
CA ILE A 113 24.59 -17.74 -16.52
C ILE A 113 23.58 -17.58 -17.65
N ALA A 114 22.85 -16.46 -17.63
CA ALA A 114 21.99 -16.13 -18.73
C ALA A 114 22.80 -15.51 -19.84
N ASN A 115 22.32 -15.70 -21.06
CA ASN A 115 22.92 -15.11 -22.25
C ASN A 115 23.20 -13.62 -22.04
N PRO A 116 24.46 -13.22 -21.85
CA PRO A 116 24.72 -11.82 -21.53
C PRO A 116 24.52 -10.87 -22.70
N LYS A 117 24.31 -11.38 -23.91
CA LYS A 117 23.96 -10.54 -25.04
C LYS A 117 22.49 -10.14 -25.06
N THR A 118 21.63 -10.84 -24.33
CA THR A 118 20.22 -10.49 -24.32
C THR A 118 19.67 -10.35 -22.93
N ALA A 119 20.28 -10.92 -21.91
CA ALA A 119 19.69 -10.97 -20.55
C ALA A 119 20.58 -10.17 -19.60
N PRO A 120 20.11 -9.02 -19.07
CA PRO A 120 20.94 -8.19 -18.20
C PRO A 120 21.47 -8.86 -16.93
N TYR A 121 20.77 -9.86 -16.37
CA TYR A 121 21.24 -10.64 -15.19
C TYR A 121 22.41 -11.53 -15.61
N GLY A 122 22.48 -11.87 -16.90
CA GLY A 122 23.63 -12.50 -17.58
C GLY A 122 24.81 -11.54 -17.72
N LEU A 123 24.56 -10.28 -18.10
CA LEU A 123 25.59 -9.26 -18.19
C LEU A 123 26.14 -8.91 -16.80
N ALA A 124 25.28 -8.79 -15.79
CA ALA A 124 25.80 -8.63 -14.45
C ALA A 124 26.73 -9.79 -14.07
N ALA A 125 26.38 -11.01 -14.47
CA ALA A 125 27.28 -12.13 -14.17
C ALA A 125 28.66 -11.95 -14.85
N THR A 126 28.68 -11.48 -16.10
CA THR A 126 29.97 -11.41 -16.78
C THR A 126 30.80 -10.24 -16.27
N GLN A 127 30.13 -9.17 -15.87
CA GLN A 127 30.78 -8.05 -15.17
C GLN A 127 31.43 -8.52 -13.88
N ALA A 128 30.71 -9.31 -13.07
CA ALA A 128 31.27 -9.66 -11.78
C ALA A 128 32.46 -10.60 -11.94
N MET A 129 32.36 -11.58 -12.84
CA MET A 129 33.50 -12.47 -13.10
C MET A 129 34.70 -11.65 -13.51
N ASP A 130 34.46 -10.64 -14.34
CA ASP A 130 35.50 -9.73 -14.79
C ASP A 130 36.17 -9.02 -13.63
N LYS A 131 35.39 -8.27 -12.84
CA LYS A 131 35.95 -7.52 -11.74
C LYS A 131 36.48 -8.43 -10.65
N LEU A 132 36.02 -9.69 -10.60
CA LEU A 132 36.58 -10.68 -9.69
C LEU A 132 37.92 -11.22 -10.16
N GLY A 133 38.35 -10.84 -11.36
CA GLY A 133 39.58 -11.35 -11.94
C GLY A 133 39.52 -12.78 -12.44
N LEU A 134 38.33 -13.34 -12.68
CA LEU A 134 38.18 -14.77 -12.92
C LEU A 134 37.63 -15.10 -14.30
N ALA A 135 37.54 -14.12 -15.19
CA ALA A 135 36.86 -14.34 -16.47
C ALA A 135 37.58 -15.38 -17.32
N ALA A 136 38.89 -15.33 -17.38
CA ALA A 136 39.58 -16.25 -18.28
C ALA A 136 39.52 -17.66 -17.73
N THR A 137 39.51 -17.83 -16.41
CA THR A 137 39.44 -19.17 -15.83
C THR A 137 38.01 -19.73 -15.82
N LEU A 138 37.00 -18.86 -15.73
CA LEU A 138 35.62 -19.31 -15.67
C LEU A 138 34.97 -19.41 -17.04
N GLY A 139 35.47 -18.68 -18.04
CA GLY A 139 34.90 -18.64 -19.36
C GLY A 139 34.57 -20.00 -19.96
N PRO A 140 35.53 -20.94 -19.95
CA PRO A 140 35.26 -22.27 -20.53
C PRO A 140 34.17 -23.09 -19.79
N LYS A 141 33.87 -22.79 -18.53
CA LYS A 141 32.90 -23.58 -17.79
C LYS A 141 31.46 -23.08 -17.94
N LEU A 142 31.26 -21.97 -18.65
CA LEU A 142 29.97 -21.30 -18.65
C LEU A 142 28.98 -22.07 -19.52
N VAL A 143 27.73 -22.07 -19.11
CA VAL A 143 26.64 -22.60 -19.90
C VAL A 143 25.54 -21.57 -19.86
N GLU A 144 25.08 -21.13 -21.03
CA GLU A 144 24.21 -19.96 -21.13
C GLU A 144 22.79 -20.40 -21.42
N GLY A 145 21.83 -19.97 -20.54
CA GLY A 145 20.42 -20.08 -20.84
C GLY A 145 19.92 -18.91 -21.65
N GLN A 146 18.79 -19.08 -22.30
CA GLN A 146 18.33 -18.02 -23.20
C GLN A 146 17.76 -16.83 -22.43
N ASN A 147 17.60 -16.95 -21.11
CA ASN A 147 17.14 -15.90 -20.22
C ASN A 147 17.45 -16.38 -18.80
N ILE A 148 17.16 -15.54 -17.81
CA ILE A 148 17.60 -15.88 -16.46
C ILE A 148 16.76 -17.02 -15.88
N SER A 149 15.53 -17.25 -16.37
CA SER A 149 14.75 -18.41 -15.91
C SER A 149 15.39 -19.72 -16.39
N GLN A 150 15.86 -19.75 -17.63
CA GLN A 150 16.49 -20.97 -18.11
C GLN A 150 17.82 -21.20 -17.40
N ALA A 151 18.58 -20.14 -17.10
CA ALA A 151 19.84 -20.33 -16.38
C ALA A 151 19.59 -20.97 -15.02
N TYR A 152 18.61 -20.43 -14.29
CA TYR A 152 18.19 -21.01 -13.01
C TYR A 152 17.75 -22.47 -13.14
N GLN A 153 17.01 -22.80 -14.20
CA GLN A 153 16.51 -24.17 -14.32
C GLN A 153 17.63 -25.16 -14.58
N PHE A 154 18.62 -24.78 -15.38
CA PHE A 154 19.83 -25.58 -15.52
C PHE A 154 20.39 -26.01 -14.16
N VAL A 155 20.44 -25.10 -13.19
CA VAL A 155 20.95 -25.43 -11.85
C VAL A 155 19.94 -26.28 -11.10
N SER A 156 18.68 -25.86 -11.14
CA SER A 156 17.61 -26.50 -10.41
C SER A 156 17.41 -27.95 -10.88
N SER A 157 17.69 -28.21 -12.15
CA SER A 157 17.57 -29.48 -12.81
C SER A 157 18.87 -30.29 -12.84
N GLY A 158 19.98 -29.79 -12.30
CA GLY A 158 21.19 -30.56 -12.36
C GLY A 158 21.94 -30.54 -13.68
N ASN A 159 21.59 -29.63 -14.60
CA ASN A 159 22.38 -29.45 -15.81
C ASN A 159 23.63 -28.61 -15.57
N ALA A 160 23.79 -28.03 -14.38
CA ALA A 160 25.02 -27.37 -13.94
C ALA A 160 25.08 -27.32 -12.41
N GLU A 161 26.28 -27.31 -11.87
CA GLU A 161 26.52 -27.42 -10.41
C GLU A 161 26.11 -26.12 -9.72
N LEU A 162 26.09 -24.98 -10.41
CA LEU A 162 25.74 -23.73 -9.74
C LEU A 162 25.51 -22.70 -10.82
N GLY A 163 24.91 -21.59 -10.44
CA GLY A 163 24.72 -20.55 -11.45
C GLY A 163 24.55 -19.18 -10.83
N PHE A 164 24.67 -18.17 -11.70
CA PHE A 164 24.32 -16.80 -11.35
C PHE A 164 22.85 -16.59 -11.70
N VAL A 165 22.03 -16.52 -10.66
CA VAL A 165 20.58 -16.46 -10.79
C VAL A 165 20.11 -15.12 -10.25
N ALA A 166 18.89 -14.73 -10.63
CA ALA A 166 18.29 -13.57 -10.00
C ALA A 166 17.91 -13.90 -8.55
N LEU A 167 18.19 -12.95 -7.67
CA LEU A 167 17.77 -13.11 -6.28
C LEU A 167 16.28 -13.40 -6.18
N SER A 168 15.49 -12.79 -7.10
CA SER A 168 14.07 -13.05 -7.18
C SER A 168 13.74 -14.54 -7.24
N GLN A 169 14.62 -15.38 -7.76
CA GLN A 169 14.26 -16.78 -7.93
C GLN A 169 14.55 -17.68 -6.73
N ILE A 170 15.16 -17.16 -5.67
CA ILE A 170 15.58 -18.00 -4.50
C ILE A 170 15.17 -17.36 -3.17
N TYR A 171 14.59 -16.16 -3.23
CA TYR A 171 14.37 -15.22 -2.12
C TYR A 171 12.87 -15.07 -1.88
N LYS A 172 12.50 -15.24 -0.61
CA LYS A 172 11.17 -14.84 -0.13
C LYS A 172 11.26 -14.42 1.33
N ASP A 173 10.71 -13.24 1.62
CA ASP A 173 10.30 -12.81 2.97
C ASP A 173 11.57 -12.69 3.81
N GLY A 174 12.53 -11.94 3.27
CA GLY A 174 13.69 -11.40 3.98
C GLY A 174 14.92 -12.29 3.86
N LYS A 175 14.81 -13.45 3.20
CA LYS A 175 15.78 -14.57 3.27
C LYS A 175 15.89 -15.33 1.94
N VAL A 176 17.09 -15.82 1.59
CA VAL A 176 17.26 -16.92 0.65
C VAL A 176 16.64 -18.17 1.26
N ALA A 177 15.81 -18.85 0.49
CA ALA A 177 14.77 -19.78 0.96
C ALA A 177 15.27 -21.22 0.88
N THR A 178 16.35 -21.50 0.15
CA THR A 178 16.59 -22.79 -0.41
C THR A 178 18.01 -22.85 -0.93
N GLY A 179 18.57 -24.06 -0.88
CA GLY A 179 19.97 -24.36 -1.19
C GLY A 179 20.94 -23.40 -0.51
N SER A 180 21.91 -22.95 -1.28
CA SER A 180 23.21 -22.37 -0.86
C SER A 180 23.46 -21.14 -1.74
N ALA A 181 23.62 -19.94 -1.16
CA ALA A 181 23.75 -18.77 -1.99
C ALA A 181 24.95 -17.97 -1.50
N TRP A 182 25.53 -17.21 -2.42
CA TRP A 182 26.41 -16.08 -2.12
C TRP A 182 25.82 -14.89 -2.84
N ILE A 183 25.50 -13.84 -2.09
CA ILE A 183 24.99 -12.61 -2.67
C ILE A 183 26.15 -11.88 -3.32
N VAL A 184 26.09 -11.73 -4.64
CA VAL A 184 27.11 -10.95 -5.32
C VAL A 184 27.11 -9.50 -4.84
N PRO A 185 28.24 -9.02 -4.31
CA PRO A 185 28.30 -7.61 -3.92
C PRO A 185 28.30 -6.69 -5.13
N THR A 186 27.58 -5.57 -4.98
CA THR A 186 27.26 -4.72 -6.13
C THR A 186 28.50 -4.10 -6.76
N GLU A 187 29.56 -3.85 -5.98
CA GLU A 187 30.74 -3.20 -6.55
C GLU A 187 31.29 -3.99 -7.73
N LEU A 188 30.80 -5.21 -7.93
CA LEU A 188 31.32 -6.09 -8.97
C LEU A 188 30.59 -5.97 -10.31
N HIS A 189 29.44 -5.31 -10.34
CA HIS A 189 28.69 -5.18 -11.59
C HIS A 189 27.87 -3.90 -11.52
N ASP A 190 27.36 -3.50 -12.67
CA ASP A 190 26.44 -2.37 -12.74
C ASP A 190 25.16 -2.68 -11.96
N PRO A 191 24.70 -1.80 -11.06
CA PRO A 191 23.45 -2.07 -10.33
C PRO A 191 22.34 -2.40 -11.30
N ILE A 192 21.51 -3.37 -10.91
CA ILE A 192 20.53 -3.98 -11.81
C ILE A 192 19.24 -3.14 -11.76
N ARG A 193 19.34 -1.93 -12.25
CA ARG A 193 18.20 -1.05 -12.31
C ARG A 193 17.28 -1.54 -13.41
N GLN A 194 16.05 -1.90 -13.04
CA GLN A 194 15.07 -2.45 -13.96
C GLN A 194 14.03 -1.37 -14.21
N ASP A 195 13.94 -0.96 -15.47
CA ASP A 195 13.07 0.11 -15.92
C ASP A 195 11.88 -0.43 -16.73
N ALA A 196 10.75 0.24 -16.54
CA ALA A 196 9.53 0.08 -17.27
C ALA A 196 9.32 1.27 -18.21
N VAL A 197 8.48 1.04 -19.21
CA VAL A 197 8.27 1.97 -20.31
C VAL A 197 6.92 1.64 -20.90
N ILE A 198 6.18 2.67 -21.33
CA ILE A 198 4.97 2.51 -22.10
C ILE A 198 5.33 2.62 -23.57
N LEU A 199 5.09 1.56 -24.32
CA LEU A 199 5.41 1.51 -25.74
C LEU A 199 4.32 2.18 -26.55
N ASN A 200 4.61 2.38 -27.84
CA ASN A 200 3.71 3.15 -28.68
C ASN A 200 2.29 2.60 -28.68
N LYS A 201 2.11 1.29 -28.59
CA LYS A 201 0.77 0.67 -28.73
C LYS A 201 0.00 0.79 -27.41
N GLY A 202 0.66 1.28 -26.35
CA GLY A 202 0.09 1.46 -25.01
C GLY A 202 -0.22 2.92 -24.72
N LYS A 203 0.12 3.79 -25.67
CA LYS A 203 -0.24 5.23 -25.63
C LYS A 203 -1.78 5.33 -25.68
N ASP A 204 -2.34 6.00 -24.68
CA ASP A 204 -3.81 6.25 -24.56
C ASP A 204 -4.54 4.91 -24.45
N ASN A 205 -3.91 3.91 -23.83
CA ASN A 205 -4.57 2.65 -23.41
C ASN A 205 -4.68 2.67 -21.89
N ALA A 206 -5.83 2.23 -21.36
CA ALA A 206 -6.30 2.53 -20.00
C ALA A 206 -5.73 1.50 -19.03
N ALA A 207 -5.59 0.27 -19.52
CA ALA A 207 -4.92 -0.84 -18.82
C ALA A 207 -3.45 -0.47 -18.62
N ALA A 208 -2.83 0.20 -19.59
CA ALA A 208 -1.40 0.51 -19.50
C ALA A 208 -1.15 1.60 -18.45
N LYS A 209 -1.91 2.70 -18.50
CA LYS A 209 -1.75 3.73 -17.48
C LYS A 209 -2.05 3.19 -16.09
N ALA A 210 -3.14 2.42 -15.95
CA ALA A 210 -3.44 1.79 -14.66
C ALA A 210 -2.26 0.95 -14.20
N LEU A 211 -1.58 0.29 -15.15
CA LEU A 211 -0.54 -0.66 -14.77
C LEU A 211 0.69 0.04 -14.22
N VAL A 212 1.19 1.05 -14.94
CA VAL A 212 2.37 1.76 -14.43
C VAL A 212 2.03 2.49 -13.12
N ASP A 213 0.83 3.07 -13.02
CA ASP A 213 0.44 3.66 -11.74
C ASP A 213 0.36 2.59 -10.65
N TYR A 214 -0.10 1.39 -10.99
CA TYR A 214 -0.23 0.34 -9.98
C TYR A 214 1.16 -0.15 -9.56
N LEU A 215 2.08 -0.25 -10.49
CA LEU A 215 3.43 -0.69 -10.11
C LEU A 215 4.11 0.30 -9.16
N LYS A 216 3.69 1.56 -9.16
CA LYS A 216 4.18 2.56 -8.22
C LYS A 216 3.35 2.62 -6.94
N GLY A 217 2.31 1.77 -6.81
CA GLY A 217 1.44 1.77 -5.66
C GLY A 217 1.92 0.82 -4.57
N ALA A 218 1.15 0.78 -3.48
CA ALA A 218 1.54 0.07 -2.23
C ALA A 218 1.47 -1.45 -2.31
N LYS A 219 0.44 -1.99 -2.92
CA LYS A 219 0.29 -3.46 -3.05
C LYS A 219 1.43 -3.96 -3.91
N ALA A 220 1.75 -3.23 -4.98
CA ALA A 220 2.87 -3.56 -5.87
C ALA A 220 4.19 -3.41 -5.13
N ALA A 221 4.45 -2.28 -4.48
CA ALA A 221 5.75 -2.07 -3.85
C ALA A 221 6.04 -3.14 -2.82
N ALA A 222 5.04 -3.49 -1.99
CA ALA A 222 5.25 -4.50 -0.95
C ALA A 222 5.61 -5.86 -1.52
N LEU A 223 4.98 -6.27 -2.63
CA LEU A 223 5.25 -7.59 -3.26
C LEU A 223 6.66 -7.56 -3.87
N ILE A 224 7.05 -6.45 -4.49
CA ILE A 224 8.35 -6.34 -5.14
C ILE A 224 9.46 -6.44 -4.11
N LYS A 225 9.27 -5.85 -2.94
CA LYS A 225 10.26 -5.95 -1.84
C LYS A 225 10.27 -7.36 -1.23
N SER A 226 9.16 -8.11 -1.32
CA SER A 226 8.97 -9.49 -0.78
C SER A 226 9.81 -10.49 -1.57
N TYR A 227 10.19 -10.12 -2.79
CA TYR A 227 11.03 -10.90 -3.73
C TYR A 227 12.50 -10.43 -3.69
N GLY A 228 12.92 -9.49 -2.82
CA GLY A 228 14.32 -9.18 -2.70
C GLY A 228 14.77 -8.00 -3.52
N TYR A 229 13.87 -7.43 -4.32
CA TYR A 229 14.12 -6.17 -5.05
C TYR A 229 14.09 -4.99 -4.05
N GLU A 230 14.84 -3.95 -4.38
CA GLU A 230 14.80 -2.63 -3.68
C GLU A 230 14.01 -1.64 -4.52
N LEU A 231 13.37 -0.70 -3.82
CA LEU A 231 12.43 0.33 -4.32
C LEU A 231 11.37 -0.33 -5.21
N ALA B 3 13.87 7.10 16.17
CA ALA B 3 13.51 6.77 14.77
C ALA B 3 12.59 7.84 14.18
N ASP B 4 11.70 7.43 13.27
CA ASP B 4 11.14 8.30 12.21
C ASP B 4 9.94 9.08 12.77
N GLU B 5 9.19 9.78 11.93
CA GLU B 5 7.91 10.44 12.31
C GLU B 5 6.90 10.40 11.16
N VAL B 6 5.62 10.37 11.52
CA VAL B 6 4.42 10.35 10.63
C VAL B 6 3.45 11.46 11.07
N GLN B 7 3.17 12.39 10.16
CA GLN B 7 2.15 13.44 10.32
C GLN B 7 0.80 12.79 10.02
N VAL B 8 -0.11 12.76 10.98
CA VAL B 8 -1.41 12.12 10.81
C VAL B 8 -2.50 13.14 11.02
N ALA B 9 -3.40 13.25 10.05
CA ALA B 9 -4.65 13.97 10.21
C ALA B 9 -5.69 13.01 10.75
N VAL B 10 -6.29 13.34 11.89
CA VAL B 10 -7.16 12.37 12.56
C VAL B 10 -8.56 12.98 12.77
N ALA B 11 -9.57 12.31 12.24
CA ALA B 11 -10.93 12.79 12.48
C ALA B 11 -11.19 12.77 13.98
N ALA B 12 -11.94 13.78 14.43
CA ALA B 12 -12.09 14.08 15.86
C ALA B 12 -12.64 12.92 16.69
N ASN B 13 -13.51 12.07 16.10
CA ASN B 13 -14.05 10.95 16.88
C ASN B 13 -12.93 10.04 17.38
N PHE B 14 -11.81 10.02 16.66
CA PHE B 14 -10.74 9.06 16.89
C PHE B 14 -9.57 9.67 17.65
N THR B 15 -9.78 10.84 18.28
CA THR B 15 -8.77 11.50 19.09
C THR B 15 -8.32 10.56 20.20
N ALA B 16 -9.24 10.27 21.11
CA ALA B 16 -8.85 9.39 22.21
C ALA B 16 -8.28 8.07 21.72
N PRO B 17 -8.91 7.37 20.77
CA PRO B 17 -8.31 6.08 20.34
C PRO B 17 -6.90 6.21 19.80
N ILE B 18 -6.62 7.18 18.94
CA ILE B 18 -5.29 7.26 18.34
C ILE B 18 -4.25 7.68 19.36
N GLN B 19 -4.62 8.49 20.33
CA GLN B 19 -3.69 8.72 21.44
C GLN B 19 -3.28 7.40 22.08
N ALA B 20 -4.24 6.50 22.26
CA ALA B 20 -3.92 5.21 22.88
C ALA B 20 -3.08 4.33 21.94
N ILE B 21 -3.37 4.36 20.64
CA ILE B 21 -2.62 3.59 19.65
C ILE B 21 -1.21 4.14 19.51
N ALA B 22 -1.03 5.47 19.65
CA ALA B 22 0.26 6.08 19.41
C ALA B 22 1.30 5.54 20.38
N LYS B 23 0.93 5.41 21.66
CA LYS B 23 1.85 4.86 22.65
C LYS B 23 2.34 3.47 22.23
N GLU B 24 1.43 2.54 22.05
CA GLU B 24 1.83 1.17 21.71
C GLU B 24 2.52 1.11 20.35
N PHE B 25 2.05 1.90 19.37
CA PHE B 25 2.73 2.00 18.08
C PHE B 25 4.19 2.43 18.26
N GLU B 26 4.43 3.47 19.06
CA GLU B 26 5.79 3.96 19.24
C GLU B 26 6.63 2.97 20.02
N LYS B 27 6.12 2.40 21.10
CA LYS B 27 6.87 1.45 21.95
C LYS B 27 7.39 0.31 21.06
N ASP B 28 6.61 -0.04 20.03
CA ASP B 28 6.76 -1.29 19.24
C ASP B 28 7.51 -1.03 17.93
N THR B 29 7.39 0.18 17.36
CA THR B 29 8.01 0.54 16.05
C THR B 29 9.17 1.51 16.26
N GLY B 30 9.14 2.36 17.28
CA GLY B 30 10.10 3.46 17.49
C GLY B 30 9.67 4.73 16.77
N HIS B 31 8.78 4.64 15.80
CA HIS B 31 8.28 5.79 15.00
C HIS B 31 7.35 6.63 15.89
N ARG B 32 7.43 7.95 15.79
CA ARG B 32 6.57 8.86 16.58
C ARG B 32 5.42 9.33 15.67
N LEU B 33 4.21 9.13 16.15
CA LEU B 33 3.00 9.65 15.51
C LEU B 33 2.65 11.04 16.06
N VAL B 34 2.60 12.03 15.17
CA VAL B 34 2.26 13.41 15.50
C VAL B 34 0.89 13.71 14.88
N ALA B 35 -0.11 13.91 15.72
CA ALA B 35 -1.49 13.91 15.27
C ALA B 35 -2.08 15.31 15.35
N ALA B 36 -2.90 15.64 14.37
CA ALA B 36 -3.79 16.79 14.46
C ALA B 36 -5.21 16.25 14.44
N TYR B 37 -6.13 16.98 15.08
CA TYR B 37 -7.51 16.54 15.29
C TYR B 37 -8.47 17.60 14.81
N GLY B 38 -9.49 17.18 14.08
CA GLY B 38 -10.52 18.08 13.59
C GLY B 38 -11.49 17.33 12.72
N ALA B 39 -12.34 18.10 12.04
CA ALA B 39 -13.36 17.55 11.16
C ALA B 39 -12.78 17.01 9.86
N THR B 40 -13.33 15.86 9.41
CA THR B 40 -12.95 15.27 8.12
C THR B 40 -12.92 16.27 6.97
N GLY B 41 -14.05 16.94 6.69
CA GLY B 41 -14.09 17.90 5.59
C GLY B 41 -13.07 19.00 5.75
N GLN B 42 -12.72 19.37 6.97
CA GLN B 42 -11.70 20.40 7.13
C GLN B 42 -10.31 19.84 6.83
N PHE B 43 -10.04 18.58 7.19
CA PHE B 43 -8.75 18.03 6.76
C PHE B 43 -8.71 17.90 5.24
N TYR B 44 -9.88 17.64 4.61
CA TYR B 44 -9.91 17.56 3.16
C TYR B 44 -9.41 18.84 2.54
N THR B 45 -9.83 19.98 3.10
CA THR B 45 -9.43 21.29 2.59
C THR B 45 -7.92 21.51 2.81
N GLN B 46 -7.43 21.22 4.02
CA GLN B 46 -6.03 21.45 4.32
C GLN B 46 -5.13 20.62 3.44
N ILE B 47 -5.51 19.37 3.23
CA ILE B 47 -4.70 18.46 2.42
C ILE B 47 -4.73 18.87 0.97
N LYS B 48 -5.88 19.35 0.50
CA LYS B 48 -5.91 19.90 -0.86
C LYS B 48 -4.97 21.10 -0.95
N ASN B 49 -4.76 21.79 0.15
CA ASN B 49 -3.98 23.02 0.11
C ASN B 49 -2.50 22.82 0.42
N GLY B 50 -2.07 21.57 0.56
CA GLY B 50 -0.67 21.25 0.74
C GLY B 50 -0.26 20.94 2.16
N ALA B 51 -1.18 20.83 3.09
CA ALA B 51 -0.82 20.48 4.47
C ALA B 51 0.15 19.30 4.48
N PRO B 52 1.10 19.24 5.42
CA PRO B 52 2.13 18.19 5.38
C PRO B 52 1.66 16.80 5.75
N PHE B 53 0.38 16.60 6.04
CA PHE B 53 -0.04 15.30 6.53
C PHE B 53 0.43 14.20 5.57
N GLN B 54 0.72 13.05 6.16
CA GLN B 54 1.20 11.89 5.42
C GLN B 54 0.24 10.71 5.50
N VAL B 55 -0.47 10.56 6.61
CA VAL B 55 -1.57 9.60 6.78
C VAL B 55 -2.80 10.39 7.18
N PHE B 56 -3.99 9.92 6.74
CA PHE B 56 -5.29 10.54 7.02
C PHE B 56 -6.25 9.46 7.53
N LEU B 57 -6.68 9.61 8.78
CA LEU B 57 -7.73 8.77 9.35
C LEU B 57 -9.05 9.53 9.26
N SER B 58 -9.90 9.12 8.31
CA SER B 58 -11.17 9.79 8.05
C SER B 58 -12.23 9.20 8.95
N ALA B 59 -13.27 9.99 9.23
CA ALA B 59 -14.49 9.50 9.85
C ALA B 59 -15.53 8.97 8.83
N ASP B 60 -15.21 8.96 7.54
CA ASP B 60 -16.09 8.37 6.55
C ASP B 60 -15.21 7.64 5.56
N ASP B 61 -15.83 7.06 4.51
CA ASP B 61 -15.06 6.55 3.39
C ASP B 61 -15.18 7.42 2.14
N SER B 62 -16.21 8.27 2.06
CA SER B 62 -16.37 9.09 0.87
C SER B 62 -15.19 10.03 0.66
N THR B 63 -14.67 10.65 1.74
CA THR B 63 -13.63 11.68 1.59
C THR B 63 -12.28 11.12 1.16
N PRO B 64 -11.68 10.13 1.83
CA PRO B 64 -10.43 9.57 1.30
C PRO B 64 -10.58 9.10 -0.11
N ALA B 65 -11.75 8.58 -0.49
CA ALA B 65 -11.97 8.19 -1.86
C ALA B 65 -11.97 9.40 -2.78
N LYS B 66 -12.61 10.50 -2.37
CA LYS B 66 -12.59 11.71 -3.19
C LYS B 66 -11.16 12.19 -3.41
N LEU B 67 -10.34 12.15 -2.35
CA LEU B 67 -8.93 12.48 -2.47
C LEU B 67 -8.21 11.58 -3.45
N GLU B 68 -8.59 10.29 -3.55
CA GLU B 68 -7.93 9.42 -4.53
C GLU B 68 -8.38 9.77 -5.95
N GLN B 69 -9.67 10.08 -6.16
CA GLN B 69 -10.08 10.42 -7.54
C GLN B 69 -9.58 11.81 -7.94
N GLU B 70 -8.94 12.53 -7.02
CA GLU B 70 -8.40 13.85 -7.27
C GLU B 70 -6.87 13.86 -7.27
N GLY B 71 -6.25 12.69 -7.09
CA GLY B 71 -4.83 12.54 -7.28
C GLY B 71 -3.99 12.71 -6.05
N GLU B 72 -4.60 12.69 -4.86
CA GLU B 72 -3.95 13.03 -3.59
C GLU B 72 -3.51 11.84 -2.78
N VAL B 73 -3.68 10.62 -3.29
CA VAL B 73 -3.57 9.42 -2.50
C VAL B 73 -2.58 8.48 -3.16
N VAL B 74 -1.90 7.67 -2.34
CA VAL B 74 -1.06 6.58 -2.85
C VAL B 74 -1.97 5.45 -3.29
N PRO B 75 -1.91 5.00 -4.54
CA PRO B 75 -2.72 3.84 -4.92
C PRO B 75 -2.44 2.63 -4.04
N GLY B 76 -3.52 1.94 -3.63
CA GLY B 76 -3.46 0.77 -2.80
C GLY B 76 -3.52 1.00 -1.30
N SER B 77 -3.57 2.25 -0.85
CA SER B 77 -3.42 2.58 0.55
C SER B 77 -4.75 2.67 1.30
N ARG B 78 -5.87 2.78 0.58
CA ARG B 78 -7.16 3.04 1.20
C ARG B 78 -7.68 1.79 1.88
N PHE B 79 -8.01 1.89 3.16
CA PHE B 79 -8.64 0.75 3.80
C PHE B 79 -9.59 1.26 4.87
N THR B 80 -10.46 0.36 5.33
CA THR B 80 -11.34 0.66 6.45
C THR B 80 -10.64 0.26 7.74
N TYR B 81 -10.52 1.19 8.67
CA TYR B 81 -9.85 0.92 9.93
C TYR B 81 -10.78 0.85 11.12
N ALA B 82 -12.01 1.32 11.00
CA ALA B 82 -12.97 1.26 12.09
C ALA B 82 -14.36 1.51 11.55
N ILE B 83 -15.36 0.97 12.24
CA ILE B 83 -16.76 1.27 11.96
C ILE B 83 -17.36 1.85 13.23
N GLY B 84 -17.75 3.12 13.16
CA GLY B 84 -18.27 3.83 14.31
C GLY B 84 -19.77 3.59 14.55
N THR B 85 -20.24 4.15 15.67
CA THR B 85 -21.64 4.10 16.06
C THR B 85 -22.02 5.46 16.63
N LEU B 86 -23.30 5.80 16.50
CA LEU B 86 -23.86 7.06 16.95
C LEU B 86 -24.75 6.82 18.15
N ALA B 87 -24.63 7.69 19.16
CA ALA B 87 -25.39 7.62 20.38
C ALA B 87 -25.96 8.98 20.72
N LEU B 88 -27.22 8.97 21.13
CA LEU B 88 -27.85 10.11 21.80
C LEU B 88 -27.48 10.07 23.29
N TRP B 89 -27.04 11.19 23.83
CA TRP B 89 -26.37 11.09 25.12
C TRP B 89 -26.53 12.33 25.97
N SER B 90 -26.67 12.10 27.26
CA SER B 90 -26.54 13.18 28.20
C SER B 90 -25.80 12.68 29.42
N PRO B 91 -25.03 13.55 30.10
CA PRO B 91 -24.41 13.15 31.37
C PRO B 91 -25.41 12.88 32.47
N LYS B 92 -26.65 13.35 32.32
CA LYS B 92 -27.69 13.14 33.32
C LYS B 92 -28.29 11.75 33.10
N ALA B 93 -28.28 10.94 34.16
CA ALA B 93 -28.86 9.61 34.11
C ALA B 93 -30.39 9.73 33.98
N GLY B 94 -30.95 8.89 33.12
CA GLY B 94 -32.37 8.85 32.77
C GLY B 94 -32.80 9.86 31.72
N TYR B 95 -32.21 11.05 31.69
CA TYR B 95 -32.63 12.16 30.79
C TYR B 95 -32.77 11.63 29.36
N VAL B 96 -31.79 10.86 28.92
CA VAL B 96 -31.86 10.19 27.59
C VAL B 96 -32.35 8.75 27.83
N ASP B 97 -33.63 8.48 27.57
CA ASP B 97 -34.18 7.18 27.88
C ASP B 97 -33.65 6.11 26.91
N ALA B 98 -33.81 4.85 27.32
CA ALA B 98 -33.29 3.71 26.56
C ALA B 98 -33.88 3.57 25.16
N GLU B 99 -34.89 4.36 24.80
CA GLU B 99 -35.50 4.23 23.47
C GLU B 99 -35.48 5.50 22.64
N GLY B 100 -34.80 6.55 23.09
CA GLY B 100 -34.75 7.79 22.36
C GLY B 100 -36.09 8.50 22.26
N GLU B 101 -37.02 8.22 23.14
CA GLU B 101 -38.28 8.97 23.10
C GLU B 101 -38.13 10.44 23.52
N VAL B 102 -37.07 10.79 24.26
CA VAL B 102 -36.84 12.20 24.60
C VAL B 102 -36.82 13.09 23.37
N LEU B 103 -36.37 12.56 22.22
CA LEU B 103 -36.35 13.31 20.99
C LEU B 103 -37.76 13.69 20.52
N LYS B 104 -38.74 12.81 20.74
CA LYS B 104 -40.09 12.98 20.22
C LYS B 104 -40.95 13.79 21.15
N SER B 105 -40.62 13.75 22.44
CA SER B 105 -41.43 14.34 23.46
C SER B 105 -40.70 15.33 24.33
N GLY B 106 -39.37 15.40 24.25
CA GLY B 106 -38.59 16.25 25.14
C GLY B 106 -38.99 17.73 25.07
N SER B 107 -38.49 18.46 26.08
CA SER B 107 -38.66 19.90 26.19
C SER B 107 -37.32 20.61 26.21
N PHE B 108 -36.26 19.91 25.75
CA PHE B 108 -34.93 20.48 25.65
C PHE B 108 -34.96 21.57 24.59
N ARG B 109 -34.04 22.52 24.72
CA ARG B 109 -33.91 23.60 23.76
C ARG B 109 -32.72 23.45 22.84
N HIS B 110 -31.69 22.71 23.25
CA HIS B 110 -30.46 22.57 22.47
C HIS B 110 -30.05 21.12 22.27
N LEU B 111 -29.86 20.73 21.01
CA LEU B 111 -29.47 19.37 20.64
C LEU B 111 -28.16 19.50 19.88
N SER B 112 -27.09 18.97 20.46
CA SER B 112 -25.75 19.12 19.91
C SER B 112 -25.52 18.06 18.83
N ILE B 113 -25.10 18.52 17.65
CA ILE B 113 -24.63 17.69 16.55
C ILE B 113 -23.36 18.33 16.00
N ALA B 114 -22.57 17.53 15.32
CA ALA B 114 -21.42 18.07 14.62
C ALA B 114 -21.85 18.64 13.27
N ASN B 115 -21.09 19.58 12.81
CA ASN B 115 -21.35 20.24 11.53
C ASN B 115 -21.53 19.16 10.46
N PRO B 116 -22.75 18.93 9.97
CA PRO B 116 -22.92 17.83 9.03
C PRO B 116 -22.33 18.13 7.67
N LYS B 117 -21.92 19.37 7.40
CA LYS B 117 -21.23 19.70 6.17
C LYS B 117 -19.75 19.29 6.19
N THR B 118 -19.16 19.07 7.36
CA THR B 118 -17.75 18.68 7.46
C THR B 118 -17.51 17.46 8.30
N ALA B 119 -18.44 17.09 9.16
CA ALA B 119 -18.19 16.04 10.14
C ALA B 119 -19.09 14.84 9.88
N PRO B 120 -18.57 13.69 9.45
CA PRO B 120 -19.48 12.55 9.15
C PRO B 120 -20.39 12.13 10.29
N TYR B 121 -19.95 12.26 11.54
CA TYR B 121 -20.83 11.89 12.64
C TYR B 121 -21.99 12.86 12.76
N GLY B 122 -21.86 14.04 12.16
CA GLY B 122 -22.92 15.03 12.18
C GLY B 122 -23.87 14.72 11.07
N LEU B 123 -23.32 14.27 9.94
CA LEU B 123 -24.17 13.82 8.87
C LEU B 123 -25.02 12.63 9.31
N ALA B 124 -24.42 11.66 10.01
CA ALA B 124 -25.25 10.59 10.58
C ALA B 124 -26.31 11.14 11.52
N ALA B 125 -26.01 12.17 12.27
CA ALA B 125 -27.08 12.74 13.09
C ALA B 125 -28.22 13.22 12.18
N THR B 126 -27.89 13.87 11.06
CA THR B 126 -28.95 14.49 10.25
C THR B 126 -29.67 13.46 9.40
N GLN B 127 -28.96 12.45 8.91
CA GLN B 127 -29.64 11.33 8.29
C GLN B 127 -30.63 10.69 9.26
N ALA B 128 -30.22 10.46 10.51
CA ALA B 128 -31.09 9.71 11.40
C ALA B 128 -32.31 10.52 11.78
N MET B 129 -32.12 11.82 12.07
CA MET B 129 -33.26 12.66 12.40
C MET B 129 -34.25 12.64 11.24
N ASP B 130 -33.72 12.67 10.02
CA ASP B 130 -34.55 12.58 8.83
C ASP B 130 -35.36 11.30 8.80
N LYS B 131 -34.68 10.15 8.85
CA LYS B 131 -35.38 8.89 8.77
C LYS B 131 -36.26 8.65 9.98
N LEU B 132 -35.96 9.27 11.12
CA LEU B 132 -36.87 9.23 12.26
C LEU B 132 -38.10 10.09 12.10
N GLY B 133 -38.17 10.87 11.02
CA GLY B 133 -39.29 11.78 10.83
C GLY B 133 -39.27 13.03 11.66
N LEU B 134 -38.12 13.45 12.17
CA LEU B 134 -38.06 14.52 13.16
C LEU B 134 -37.26 15.71 12.64
N ALA B 135 -36.94 15.76 11.35
CA ALA B 135 -36.05 16.81 10.85
C ALA B 135 -36.63 18.21 11.09
N ALA B 136 -37.90 18.40 10.76
CA ALA B 136 -38.46 19.74 10.88
C ALA B 136 -38.69 20.12 12.33
N THR B 137 -39.02 19.13 13.17
CA THR B 137 -39.29 19.43 14.57
C THR B 137 -38.00 19.63 15.36
N LEU B 138 -36.91 18.97 14.97
CA LEU B 138 -35.66 19.07 15.71
C LEU B 138 -34.74 20.15 15.17
N GLY B 139 -34.88 20.52 13.90
CA GLY B 139 -34.04 21.48 13.25
C GLY B 139 -33.84 22.75 14.04
N PRO B 140 -34.94 23.39 14.46
CA PRO B 140 -34.78 24.67 15.17
C PRO B 140 -33.98 24.56 16.48
N LYS B 141 -33.86 23.36 17.05
CA LYS B 141 -33.19 23.18 18.33
C LYS B 141 -31.70 22.85 18.23
N LEU B 142 -31.16 22.71 17.03
CA LEU B 142 -29.82 22.21 16.84
C LEU B 142 -28.80 23.28 17.21
N VAL B 143 -27.65 22.83 17.70
CA VAL B 143 -26.49 23.70 17.84
C VAL B 143 -25.27 22.90 17.41
N GLU B 144 -24.50 23.48 16.50
CA GLU B 144 -23.46 22.75 15.78
C GLU B 144 -22.09 23.02 16.34
N GLY B 145 -21.38 21.98 16.69
CA GLY B 145 -19.95 22.09 16.89
C GLY B 145 -19.17 21.92 15.59
N GLN B 146 -17.91 22.33 15.62
CA GLN B 146 -17.02 22.34 14.47
C GLN B 146 -16.56 20.94 14.10
N ASN B 147 -16.77 20.00 14.99
CA ASN B 147 -16.47 18.59 14.79
C ASN B 147 -17.13 17.84 15.95
N ILE B 148 -17.01 16.50 15.93
CA ILE B 148 -17.75 15.71 16.89
C ILE B 148 -17.20 15.85 18.31
N SER B 149 -15.94 16.22 18.47
CA SER B 149 -15.47 16.45 19.84
C SER B 149 -16.16 17.67 20.44
N GLN B 150 -16.33 18.74 19.66
CA GLN B 150 -17.01 19.93 20.18
C GLN B 150 -18.49 19.66 20.40
N ALA B 151 -19.13 18.85 19.56
CA ALA B 151 -20.51 18.49 19.83
C ALA B 151 -20.62 17.80 21.18
N TYR B 152 -19.74 16.80 21.39
CA TYR B 152 -19.71 16.09 22.67
C TYR B 152 -19.43 17.05 23.82
N GLN B 153 -18.55 18.03 23.60
CA GLN B 153 -18.16 18.94 24.65
C GLN B 153 -19.29 19.89 25.04
N PHE B 154 -20.06 20.34 24.06
CA PHE B 154 -21.28 21.09 24.32
C PHE B 154 -22.17 20.37 25.34
N VAL B 155 -22.30 19.03 25.22
CA VAL B 155 -23.12 18.27 26.14
C VAL B 155 -22.44 18.12 27.50
N SER B 156 -21.19 17.75 27.48
CA SER B 156 -20.48 17.48 28.71
C SER B 156 -20.40 18.72 29.58
N SER B 157 -20.39 19.87 28.95
CA SER B 157 -20.21 21.17 29.59
C SER B 157 -21.51 21.88 29.91
N GLY B 158 -22.67 21.32 29.61
CA GLY B 158 -23.93 21.99 29.86
C GLY B 158 -24.31 23.05 28.85
N ASN B 159 -23.59 23.14 27.74
CA ASN B 159 -24.00 24.04 26.69
C ASN B 159 -25.20 23.53 25.91
N ALA B 160 -25.57 22.28 26.11
CA ALA B 160 -26.79 21.72 25.53
C ALA B 160 -27.21 20.51 26.35
N GLU B 161 -28.52 20.27 26.40
CA GLU B 161 -29.05 19.21 27.22
C GLU B 161 -28.74 17.80 26.69
N LEU B 162 -28.48 17.62 25.41
CA LEU B 162 -28.19 16.27 24.92
C LEU B 162 -27.61 16.41 23.52
N GLY B 163 -27.00 15.33 23.03
CA GLY B 163 -26.39 15.40 21.72
C GLY B 163 -26.17 14.05 21.07
N PHE B 164 -25.97 14.08 19.74
CA PHE B 164 -25.55 12.91 18.99
C PHE B 164 -24.03 12.91 18.97
N VAL B 165 -23.45 12.01 19.72
CA VAL B 165 -22.02 11.98 19.92
C VAL B 165 -21.52 10.66 19.32
N ALA B 166 -20.21 10.58 19.11
CA ALA B 166 -19.61 9.29 18.77
C ALA B 166 -19.61 8.36 20.00
N LEU B 167 -19.96 7.11 19.75
CA LEU B 167 -19.91 6.11 20.81
C LEU B 167 -18.54 6.03 21.47
N SER B 168 -17.48 6.20 20.66
CA SER B 168 -16.11 6.19 21.16
C SER B 168 -15.88 7.13 22.34
N GLN B 169 -16.71 8.16 22.47
CA GLN B 169 -16.58 9.17 23.51
C GLN B 169 -17.33 8.86 24.81
N ILE B 170 -18.07 7.75 24.87
CA ILE B 170 -18.86 7.46 26.06
C ILE B 170 -18.79 5.98 26.41
N TYR B 171 -17.96 5.25 25.68
CA TYR B 171 -17.93 3.76 25.66
C TYR B 171 -16.55 3.31 26.10
N LYS B 172 -16.54 2.36 27.02
CA LYS B 172 -15.33 1.71 27.54
C LYS B 172 -15.62 0.24 27.78
N ASP B 173 -14.86 -0.61 27.11
CA ASP B 173 -14.72 -2.04 27.44
C ASP B 173 -16.12 -2.64 27.47
N GLY B 174 -16.81 -2.58 26.33
CA GLY B 174 -18.05 -3.29 26.13
C GLY B 174 -19.31 -2.57 26.57
N LYS B 175 -19.20 -1.36 27.15
CA LYS B 175 -20.32 -0.69 27.80
C LYS B 175 -20.24 0.84 27.68
N VAL B 176 -21.41 1.50 27.52
CA VAL B 176 -21.53 2.93 27.78
C VAL B 176 -21.29 3.17 29.25
N ALA B 177 -20.31 4.02 29.55
CA ALA B 177 -19.67 4.05 30.86
C ALA B 177 -20.16 5.19 31.74
N THR B 178 -21.13 5.96 31.26
CA THR B 178 -21.39 7.23 31.89
C THR B 178 -22.63 7.86 31.31
N GLY B 179 -23.34 8.63 32.16
CA GLY B 179 -24.52 9.34 31.72
C GLY B 179 -25.66 8.41 31.37
N SER B 180 -26.42 8.81 30.35
CA SER B 180 -27.56 8.08 29.80
C SER B 180 -27.42 8.13 28.29
N ALA B 181 -27.65 6.99 27.61
CA ALA B 181 -27.45 6.89 26.16
C ALA B 181 -28.56 6.09 25.52
N TRP B 182 -28.81 6.38 24.24
CA TRP B 182 -29.60 5.56 23.32
C TRP B 182 -28.72 5.27 22.12
N ILE B 183 -28.48 4.00 21.84
CA ILE B 183 -27.66 3.65 20.69
C ILE B 183 -28.52 3.84 19.45
N VAL B 184 -28.13 4.77 18.60
CA VAL B 184 -28.84 4.94 17.34
C VAL B 184 -28.79 3.68 16.49
N PRO B 185 -29.93 3.05 16.19
CA PRO B 185 -29.88 1.85 15.34
C PRO B 185 -29.48 2.21 13.92
N THR B 186 -28.66 1.32 13.32
CA THR B 186 -27.92 1.66 12.11
C THR B 186 -28.82 1.92 10.92
N GLU B 187 -30.03 1.34 10.92
CA GLU B 187 -30.94 1.53 9.79
C GLU B 187 -31.31 2.99 9.59
N LEU B 188 -30.98 3.85 10.54
CA LEU B 188 -31.36 5.26 10.47
C LEU B 188 -30.32 6.13 9.75
N HIS B 189 -29.13 5.62 9.50
CA HIS B 189 -28.12 6.40 8.80
C HIS B 189 -27.22 5.47 7.99
N ASP B 190 -26.41 6.09 7.11
CA ASP B 190 -25.38 5.38 6.37
C ASP B 190 -24.33 4.85 7.34
N PRO B 191 -23.94 3.57 7.27
CA PRO B 191 -22.97 3.03 8.22
C PRO B 191 -21.72 3.89 8.27
N ILE B 192 -21.18 4.09 9.46
CA ILE B 192 -20.10 5.03 9.68
C ILE B 192 -18.76 4.35 9.43
N ARG B 193 -18.54 4.02 8.16
CA ARG B 193 -17.33 3.36 7.68
C ARG B 193 -16.21 4.40 7.66
N GLN B 194 -15.15 4.18 8.46
CA GLN B 194 -14.06 5.15 8.59
C GLN B 194 -12.84 4.58 7.88
N ASP B 195 -12.42 5.23 6.82
CA ASP B 195 -11.30 4.76 6.00
C ASP B 195 -10.03 5.57 6.27
N ALA B 196 -8.90 4.87 6.23
CA ALA B 196 -7.57 5.44 6.32
C ALA B 196 -6.88 5.42 4.95
N VAL B 197 -5.87 6.28 4.80
CA VAL B 197 -5.19 6.43 3.52
C VAL B 197 -3.80 6.98 3.75
N ILE B 198 -2.88 6.59 2.88
CA ILE B 198 -1.56 7.23 2.82
C ILE B 198 -1.63 8.33 1.76
N LEU B 199 -1.40 9.58 2.18
CA LEU B 199 -1.44 10.67 1.21
C LEU B 199 -0.11 10.75 0.47
N ASN B 200 -0.09 11.54 -0.59
CA ASN B 200 1.09 11.57 -1.44
C ASN B 200 2.34 11.95 -0.67
N LYS B 201 2.24 12.84 0.31
CA LYS B 201 3.45 13.23 1.02
C LYS B 201 3.96 12.14 1.94
N GLY B 202 3.29 11.00 2.00
CA GLY B 202 3.71 9.85 2.82
C GLY B 202 3.98 8.63 1.97
N LYS B 203 4.05 8.79 0.66
CA LYS B 203 4.58 7.72 -0.23
C LYS B 203 6.05 7.55 0.12
N ASP B 204 6.49 6.31 0.29
CA ASP B 204 7.87 5.95 0.67
C ASP B 204 8.26 6.68 1.96
N ASN B 205 7.30 6.94 2.84
CA ASN B 205 7.61 7.30 4.25
C ASN B 205 7.45 6.04 5.09
N ALA B 206 8.49 5.72 5.85
CA ALA B 206 8.63 4.46 6.60
C ALA B 206 7.65 4.45 7.77
N ALA B 207 7.52 5.57 8.46
CA ALA B 207 6.65 5.71 9.64
C ALA B 207 5.19 5.57 9.19
N ALA B 208 4.86 6.00 7.98
CA ALA B 208 3.49 5.87 7.47
C ALA B 208 3.14 4.43 7.15
N LYS B 209 3.99 3.71 6.41
CA LYS B 209 3.75 2.31 6.17
C LYS B 209 3.69 1.56 7.49
N ALA B 210 4.62 1.85 8.40
CA ALA B 210 4.56 1.23 9.72
C ALA B 210 3.22 1.50 10.36
N LEU B 211 2.70 2.71 10.21
CA LEU B 211 1.49 3.07 10.92
C LEU B 211 0.26 2.34 10.36
N VAL B 212 0.08 2.31 9.04
CA VAL B 212 -1.09 1.63 8.47
C VAL B 212 -1.00 0.11 8.66
N ASP B 213 0.20 -0.47 8.56
CA ASP B 213 0.31 -1.88 8.89
C ASP B 213 -0.07 -2.12 10.35
N TYR B 214 0.26 -1.18 11.23
CA TYR B 214 0.00 -1.38 12.65
C TYR B 214 -1.48 -1.28 12.97
N LEU B 215 -2.21 -0.42 12.24
CA LEU B 215 -3.65 -0.31 12.46
C LEU B 215 -4.40 -1.58 12.07
N LYS B 216 -3.86 -2.35 11.13
CA LYS B 216 -4.46 -3.61 10.72
C LYS B 216 -4.07 -4.76 11.65
N GLY B 217 -3.34 -4.45 12.70
CA GLY B 217 -2.78 -5.42 13.64
C GLY B 217 -3.68 -5.67 14.82
N ALA B 218 -3.25 -6.54 15.71
CA ALA B 218 -4.08 -7.20 16.74
C ALA B 218 -4.04 -6.38 18.02
N LYS B 219 -2.90 -5.76 18.29
CA LYS B 219 -2.73 -4.82 19.43
C LYS B 219 -3.63 -3.60 19.19
N ALA B 220 -3.57 -3.02 17.99
CA ALA B 220 -4.41 -1.91 17.51
C ALA B 220 -5.88 -2.34 17.54
N ALA B 221 -6.22 -3.44 16.87
CA ALA B 221 -7.59 -3.92 16.76
C ALA B 221 -8.23 -4.07 18.13
N ALA B 222 -7.47 -4.55 19.12
CA ALA B 222 -8.01 -4.70 20.47
C ALA B 222 -8.38 -3.35 21.07
N LEU B 223 -7.54 -2.33 20.88
CA LEU B 223 -7.86 -1.02 21.42
C LEU B 223 -9.04 -0.39 20.68
N ILE B 224 -9.07 -0.56 19.36
CA ILE B 224 -10.14 0.02 18.56
C ILE B 224 -11.48 -0.61 18.93
N LYS B 225 -11.49 -1.93 19.10
CA LYS B 225 -12.70 -2.55 19.61
C LYS B 225 -13.04 -2.09 21.03
N SER B 226 -12.02 -1.82 21.87
CA SER B 226 -12.26 -1.36 23.24
C SER B 226 -13.03 -0.03 23.31
N TYR B 227 -13.09 0.72 22.20
CA TYR B 227 -13.81 1.99 22.16
C TYR B 227 -15.18 1.91 21.50
N GLY B 228 -15.66 0.71 21.19
CA GLY B 228 -16.95 0.57 20.56
C GLY B 228 -16.95 0.50 19.05
N TYR B 229 -15.81 0.69 18.39
CA TYR B 229 -15.77 0.51 16.95
C TYR B 229 -15.82 -0.97 16.60
N GLU B 230 -16.32 -1.27 15.41
CA GLU B 230 -16.27 -2.63 14.80
C GLU B 230 -15.10 -2.68 13.80
N LEU B 231 -14.42 -3.83 13.78
CA LEU B 231 -13.19 -4.14 13.01
C LEU B 231 -12.04 -3.24 13.48
W WO4 C . 16.54 -11.23 -17.94
O1 WO4 C . 16.33 -10.14 -19.26
O2 WO4 C . 16.27 -12.90 -18.43
O3 WO4 C . 15.36 -10.95 -16.73
O4 WO4 C . 18.16 -11.00 -17.32
N NH4 D . 16.75 -27.10 -17.56
HN1 NH4 D . 17.23 -27.83 -18.01
HN2 NH4 D . 17.35 -26.68 -16.91
HN3 NH4 D . 16.47 -26.44 -18.22
HN4 NH4 D . 15.97 -27.46 -17.11
W WO4 E . -15.71 13.79 12.76
O1 WO4 E . -17.37 13.61 12.35
O2 WO4 E . -15.39 15.35 13.52
O3 WO4 E . -14.73 13.80 11.33
O4 WO4 E . -15.27 12.46 13.82
N NH4 F . -13.48 13.36 21.17
HN1 NH4 F . -13.66 12.86 20.36
HN2 NH4 F . -12.62 13.82 21.07
HN3 NH4 F . -14.18 14.02 21.33
HN4 NH4 F . -13.42 12.76 21.94
N NH4 G . -12.08 21.16 13.32
HN1 NH4 G . -11.17 21.50 13.43
HN2 NH4 G . -12.09 20.19 13.47
HN3 NH4 G . -12.68 21.60 13.96
HN4 NH4 G . -12.39 21.36 12.40
N NH4 H . -17.23 15.22 4.61
HN1 NH4 H . -16.37 15.14 4.15
HN2 NH4 H . -17.24 14.64 5.40
HN3 NH4 H . -17.36 16.16 4.88
HN4 NH4 H . -17.95 14.97 4.00
#